data_8B9H
#
_entry.id   8B9H
#
_cell.length_a   44.181
_cell.length_b   57.081
_cell.length_c   61.378
_cell.angle_alpha   90.000
_cell.angle_beta   110.953
_cell.angle_gamma   90.000
#
_symmetry.space_group_name_H-M   'P 1 21 1'
#
loop_
_entity.id
_entity.type
_entity.pdbx_description
1 polymer 'Tyrosine-protein kinase JAK2'
2 non-polymer 6-[[methyl-[(3-methylthiophen-2-yl)methyl]amino]methyl]-~{N}4-phenyl-1,3,5-triazine-2,4-diamine
3 non-polymer GLYCEROL
4 water water
#
_entity_poly.entity_id   1
_entity_poly.type   'polypeptide(L)'
_entity_poly.pdbx_seq_one_letter_code
;VFHKIRNEDLIFNESLGQGTFTKIFKGVRREVGDYGQLHETEVLLKVLDKAHRNYSESFFEAASMMSKLSHKHLVLNYGV
CVCGDENILVQEFVKFGSLDTYLKKNKNCINILWKLEVAKQLAAAMHFLEENTLIHGNVCAKNILLIREEDRKTGNPPFI
KLSDPGISITVLPKDILQERIPWVPPECIENPKNLNLATDKWSFGTTLWEICSGGDKPLSALDSQRKLQFYEDRHQLPAP
KAAELANLINNCMDYEPDHRPSFRAIIRDLNSLFTPDLVPRGSHHHHHH
;
_entity_poly.pdbx_strand_id   A
#
loop_
_chem_comp.id
_chem_comp.type
_chem_comp.name
_chem_comp.formula
GOL non-polymer GLYCEROL 'C3 H8 O3'
Q7F non-polymer 6-[[methyl-[(3-methylthiophen-2-yl)methyl]amino]methyl]-~{N}4-phenyl-1,3,5-triazine-2,4-diamine 'C17 H20 N6 S'
#
# COMPACT_ATOMS: atom_id res chain seq x y z
N VAL A 1 -8.56 -17.69 9.16
CA VAL A 1 -8.85 -16.63 10.11
C VAL A 1 -7.57 -16.18 10.79
N PHE A 2 -7.55 -14.93 11.26
CA PHE A 2 -6.39 -14.43 11.96
C PHE A 2 -6.29 -15.04 13.37
N HIS A 3 -5.05 -15.18 13.83
CA HIS A 3 -4.81 -15.52 15.23
C HIS A 3 -5.36 -14.41 16.14
N LYS A 4 -6.10 -14.82 17.17
CA LYS A 4 -6.63 -13.86 18.13
C LYS A 4 -5.57 -13.55 19.19
N ILE A 5 -5.35 -12.27 19.44
CA ILE A 5 -4.37 -11.79 20.41
C ILE A 5 -5.13 -11.10 21.54
N ARG A 6 -4.78 -11.44 22.78
CA ARG A 6 -5.49 -10.92 23.94
C ARG A 6 -5.16 -9.44 24.15
N ASN A 7 -6.18 -8.65 24.49
CA ASN A 7 -5.95 -7.26 24.88
C ASN A 7 -4.92 -7.18 26.00
N GLU A 8 -4.93 -8.16 26.90
CA GLU A 8 -4.01 -8.17 28.04
C GLU A 8 -2.56 -8.30 27.61
N ASP A 9 -2.31 -8.79 26.39
CA ASP A 9 -0.94 -8.96 25.91
C ASP A 9 -0.49 -7.82 25.02
N LEU A 10 -1.29 -6.77 24.88
CA LEU A 10 -0.95 -5.62 24.06
C LEU A 10 -0.86 -4.38 24.93
N ILE A 11 0.21 -3.61 24.72
CA ILE A 11 0.37 -2.27 25.29
C ILE A 11 0.31 -1.27 24.17
N PHE A 12 -0.56 -0.28 24.30
CA PHE A 12 -0.68 0.80 23.32
C PHE A 12 0.21 1.96 23.74
N ASN A 13 1.11 2.37 22.84
CA ASN A 13 1.92 3.55 23.02
C ASN A 13 1.50 4.66 22.05
N GLU A 14 2.45 5.36 21.44
CA GLU A 14 2.10 6.62 20.81
C GLU A 14 1.24 6.44 19.56
N SER A 15 0.37 7.42 19.33
CA SER A 15 -0.31 7.56 18.06
C SER A 15 0.68 7.91 16.97
N LEU A 16 0.54 7.25 15.82
CA LEU A 16 1.39 7.51 14.68
C LEU A 16 0.64 8.15 13.54
N GLY A 17 -0.67 8.20 13.62
CA GLY A 17 -1.44 8.89 12.62
C GLY A 17 -2.76 8.20 12.40
N GLN A 18 -3.31 8.43 11.21
CA GLN A 18 -4.63 7.93 10.88
C GLN A 18 -4.60 7.41 9.45
N GLY A 19 -5.48 6.45 9.19
CA GLY A 19 -5.85 6.10 7.84
C GLY A 19 -7.34 6.26 7.64
N THR A 20 -7.88 5.63 6.61
CA THR A 20 -9.30 5.77 6.32
C THR A 20 -10.09 5.05 7.39
N PHE A 21 -10.77 5.81 8.24
CA PHE A 21 -11.56 5.28 9.34
C PHE A 21 -10.72 4.46 10.31
N THR A 22 -9.43 4.76 10.41
CA THR A 22 -8.56 4.03 11.33
C THR A 22 -7.67 5.00 12.08
N LYS A 23 -7.27 4.59 13.28
CA LYS A 23 -6.25 5.27 14.08
C LYS A 23 -5.10 4.29 14.26
N ILE A 24 -3.88 4.79 14.13
CA ILE A 24 -2.70 3.96 14.12
C ILE A 24 -1.86 4.26 15.35
N PHE A 25 -1.38 3.21 16.01
CA PHE A 25 -0.54 3.35 17.19
C PHE A 25 0.65 2.40 17.12
N LYS A 26 1.74 2.80 17.77
CA LYS A 26 2.84 1.90 18.06
C LYS A 26 2.50 1.18 19.35
N GLY A 27 2.88 -0.08 19.46
CA GLY A 27 2.63 -0.81 20.68
C GLY A 27 3.63 -1.94 20.88
N VAL A 28 3.38 -2.69 21.94
CA VAL A 28 4.21 -3.84 22.29
C VAL A 28 3.30 -5.02 22.52
N ARG A 29 3.70 -6.18 21.99
CA ARG A 29 3.01 -7.44 22.21
C ARG A 29 3.91 -8.38 23.00
N ARG A 30 3.41 -8.86 24.13
CA ARG A 30 4.07 -9.90 24.88
C ARG A 30 3.66 -11.25 24.30
N GLU A 31 4.64 -12.07 23.91
CA GLU A 31 4.30 -13.34 23.29
C GLU A 31 5.35 -14.38 23.64
N VAL A 32 4.95 -15.64 23.45
CA VAL A 32 5.87 -16.77 23.54
C VAL A 32 6.28 -17.11 22.11
N GLY A 33 7.58 -17.05 21.83
CA GLY A 33 8.10 -17.32 20.52
C GLY A 33 8.66 -18.71 20.39
N ASP A 34 9.48 -18.90 19.36
CA ASP A 34 10.13 -20.20 19.17
C ASP A 34 10.89 -20.62 20.41
N TYR A 35 10.92 -21.93 20.63
CA TYR A 35 11.63 -22.55 21.73
C TYR A 35 11.08 -22.14 23.10
N GLY A 36 9.89 -21.56 23.16
CA GLY A 36 9.33 -21.11 24.43
C GLY A 36 9.91 -19.82 24.98
N GLN A 37 10.67 -19.07 24.17
CA GLN A 37 11.29 -17.84 24.63
C GLN A 37 10.24 -16.74 24.69
N LEU A 38 10.28 -15.96 25.75
CA LEU A 38 9.37 -14.83 25.90
C LEU A 38 9.95 -13.62 25.20
N HIS A 39 9.10 -12.93 24.43
CA HIS A 39 9.48 -11.71 23.72
C HIS A 39 8.49 -10.59 24.03
N GLU A 40 9.01 -9.38 24.00
CA GLU A 40 8.19 -8.16 23.97
C GLU A 40 8.45 -7.55 22.60
N THR A 41 7.51 -7.72 21.69
CA THR A 41 7.72 -7.40 20.27
C THR A 41 7.06 -6.08 19.91
N GLU A 42 7.81 -5.19 19.28
CA GLU A 42 7.23 -3.95 18.79
C GLU A 42 6.21 -4.26 17.71
N VAL A 43 5.06 -3.61 17.76
CA VAL A 43 3.98 -3.87 16.81
C VAL A 43 3.39 -2.56 16.34
N LEU A 44 2.76 -2.61 15.17
CA LEU A 44 1.96 -1.51 14.63
C LEU A 44 0.51 -1.92 14.79
N LEU A 45 -0.28 -1.06 15.43
CA LEU A 45 -1.67 -1.36 15.78
C LEU A 45 -2.58 -0.45 14.97
N LYS A 46 -3.50 -1.05 14.21
CA LYS A 46 -4.47 -0.30 13.41
C LYS A 46 -5.85 -0.52 14.01
N VAL A 47 -6.46 0.56 14.49
CA VAL A 47 -7.71 0.51 15.23
C VAL A 47 -8.82 1.06 14.36
N LEU A 48 -9.82 0.24 14.07
CA LEU A 48 -10.97 0.72 13.33
C LEU A 48 -11.78 1.68 14.19
N ASP A 49 -12.12 2.85 13.65
CA ASP A 49 -12.90 3.82 14.39
C ASP A 49 -14.19 3.17 14.89
N LYS A 50 -14.44 3.29 16.20
CA LYS A 50 -15.66 2.71 16.78
C LYS A 50 -16.90 3.23 16.06
N ALA A 51 -16.92 4.53 15.73
CA ALA A 51 -18.06 5.10 15.02
C ALA A 51 -18.30 4.38 13.71
N HIS A 52 -17.24 3.92 13.05
CA HIS A 52 -17.34 3.23 11.76
C HIS A 52 -17.18 1.72 11.92
N ARG A 53 -17.61 1.17 13.06
CA ARG A 53 -17.53 -0.27 13.29
C ARG A 53 -18.23 -1.07 12.20
N ASN A 54 -19.09 -0.42 11.41
CA ASN A 54 -19.79 -1.13 10.34
C ASN A 54 -18.84 -1.59 9.23
N TYR A 55 -17.68 -0.96 9.09
CA TYR A 55 -16.69 -1.31 8.08
C TYR A 55 -15.72 -2.37 8.56
N SER A 56 -15.96 -2.98 9.74
CA SER A 56 -14.97 -3.90 10.29
C SER A 56 -14.78 -5.12 9.41
N GLU A 57 -15.88 -5.70 8.90
CA GLU A 57 -15.75 -6.89 8.05
C GLU A 57 -14.78 -6.61 6.91
N SER A 58 -15.03 -5.53 6.16
CA SER A 58 -14.18 -5.24 5.03
C SER A 58 -12.75 -4.97 5.47
N PHE A 59 -12.60 -4.22 6.55
CA PHE A 59 -11.29 -3.89 7.10
C PHE A 59 -10.42 -5.14 7.29
N PHE A 60 -11.00 -6.19 7.89
CA PHE A 60 -10.23 -7.39 8.22
C PHE A 60 -10.27 -8.47 7.15
N GLU A 61 -11.27 -8.47 6.26
CA GLU A 61 -11.37 -9.53 5.27
C GLU A 61 -10.25 -9.44 4.25
N ALA A 62 -9.91 -8.24 3.82
CA ALA A 62 -8.86 -8.07 2.84
C ALA A 62 -7.50 -8.40 3.44
N ALA A 63 -7.22 -7.85 4.62
CA ALA A 63 -5.97 -8.19 5.30
C ALA A 63 -5.84 -9.69 5.48
N SER A 64 -6.94 -10.37 5.81
CA SER A 64 -6.92 -11.80 6.08
C SER A 64 -6.59 -12.59 4.82
N MET A 65 -7.25 -12.26 3.71
CA MET A 65 -7.00 -13.02 2.47
CA MET A 65 -7.01 -13.01 2.47
C MET A 65 -5.55 -12.86 2.02
N MET A 66 -5.01 -11.65 2.12
CA MET A 66 -3.63 -11.43 1.74
CA MET A 66 -3.62 -11.44 1.74
C MET A 66 -2.66 -12.12 2.70
N SER A 67 -2.98 -12.16 4.00
CA SER A 67 -2.11 -12.85 4.95
C SER A 67 -2.10 -14.36 4.76
N LYS A 68 -3.11 -14.92 4.09
CA LYS A 68 -3.05 -16.34 3.75
C LYS A 68 -1.99 -16.65 2.70
N LEU A 69 -1.42 -15.63 2.08
CA LEU A 69 -0.40 -15.74 1.03
C LEU A 69 0.91 -15.16 1.56
N SER A 70 1.73 -16.00 2.15
CA SER A 70 3.01 -15.53 2.67
C SER A 70 3.94 -15.22 1.52
N HIS A 71 4.63 -14.08 1.62
CA HIS A 71 5.56 -13.66 0.59
C HIS A 71 6.52 -12.64 1.18
N LYS A 72 7.76 -12.63 0.68
CA LYS A 72 8.79 -11.78 1.27
C LYS A 72 8.49 -10.29 1.10
N HIS A 73 7.68 -9.91 0.10
CA HIS A 73 7.35 -8.51 -0.12
C HIS A 73 5.95 -8.14 0.34
N LEU A 74 5.28 -8.98 1.13
CA LEU A 74 3.96 -8.68 1.69
C LEU A 74 4.06 -8.57 3.20
N VAL A 75 3.45 -7.53 3.76
CA VAL A 75 3.61 -7.27 5.20
C VAL A 75 3.14 -8.45 6.03
N LEU A 76 3.79 -8.64 7.17
CA LEU A 76 3.38 -9.66 8.14
C LEU A 76 2.37 -9.09 9.11
N ASN A 77 1.18 -9.69 9.14
CA ASN A 77 0.19 -9.41 10.17
C ASN A 77 0.22 -10.53 11.19
N TYR A 78 0.40 -10.16 12.46
CA TYR A 78 0.45 -11.16 13.52
C TYR A 78 -0.93 -11.70 13.87
N GLY A 79 -1.96 -10.88 13.79
CA GLY A 79 -3.29 -11.31 14.17
C GLY A 79 -4.19 -10.12 14.43
N VAL A 80 -5.27 -10.39 15.17
CA VAL A 80 -6.25 -9.37 15.48
C VAL A 80 -6.57 -9.43 16.96
N CYS A 81 -6.88 -8.26 17.52
CA CYS A 81 -7.44 -8.17 18.85
C CYS A 81 -8.90 -7.77 18.71
N VAL A 82 -9.80 -8.62 19.20
CA VAL A 82 -11.15 -8.19 19.51
C VAL A 82 -11.06 -7.62 20.91
N CYS A 83 -10.46 -6.43 21.01
CA CYS A 83 -10.18 -5.80 22.29
C CYS A 83 -11.46 -5.19 22.87
N GLY A 84 -12.50 -6.00 23.04
CA GLY A 84 -13.74 -5.52 23.62
C GLY A 84 -14.64 -4.80 22.64
N ASP A 85 -14.60 -3.46 22.64
CA ASP A 85 -15.33 -2.67 21.66
C ASP A 85 -14.46 -2.24 20.48
N GLU A 86 -13.20 -2.67 20.45
CA GLU A 86 -12.23 -2.25 19.44
C GLU A 86 -11.96 -3.41 18.49
N ASN A 87 -11.78 -3.09 17.22
CA ASN A 87 -11.33 -4.02 16.19
C ASN A 87 -9.93 -3.58 15.82
N ILE A 88 -8.92 -4.42 16.09
CA ILE A 88 -7.51 -4.02 15.98
C ILE A 88 -6.70 -5.03 15.18
N LEU A 89 -6.04 -4.56 14.13
CA LEU A 89 -5.07 -5.37 13.41
C LEU A 89 -3.71 -5.17 14.05
N VAL A 90 -3.02 -6.28 14.33
CA VAL A 90 -1.71 -6.28 14.94
C VAL A 90 -0.70 -6.67 13.86
N GLN A 91 0.16 -5.72 13.49
CA GLN A 91 1.02 -5.83 12.33
C GLN A 91 2.49 -5.68 12.75
N GLU A 92 3.39 -6.24 11.95
CA GLU A 92 4.80 -6.03 12.22
C GLU A 92 5.09 -4.53 12.15
N PHE A 93 5.98 -4.07 13.02
CA PHE A 93 6.42 -2.68 13.01
C PHE A 93 7.62 -2.59 12.08
N VAL A 94 7.49 -1.80 11.00
CA VAL A 94 8.55 -1.72 10.00
C VAL A 94 9.40 -0.50 10.35
N LYS A 95 10.71 -0.71 10.42
CA LYS A 95 11.60 0.26 11.04
C LYS A 95 11.51 1.63 10.39
N PHE A 96 11.52 1.69 9.06
CA PHE A 96 11.65 2.95 8.35
C PHE A 96 10.32 3.49 7.83
N GLY A 97 9.23 2.76 8.03
CA GLY A 97 7.91 3.29 7.78
C GLY A 97 7.55 3.44 6.30
N SER A 98 6.55 4.28 6.08
CA SER A 98 5.93 4.45 4.77
C SER A 98 6.90 5.11 3.80
N LEU A 99 6.84 4.68 2.53
CA LEU A 99 7.81 5.18 1.57
C LEU A 99 7.57 6.64 1.19
N ASP A 100 6.32 7.08 1.17
CA ASP A 100 6.10 8.47 0.75
C ASP A 100 6.75 9.43 1.72
N THR A 101 6.63 9.16 3.02
CA THR A 101 7.34 10.00 3.98
C THR A 101 8.83 9.88 3.80
N TYR A 102 9.32 8.66 3.59
CA TYR A 102 10.74 8.46 3.40
C TYR A 102 11.24 9.19 2.16
N LEU A 103 10.47 9.13 1.06
CA LEU A 103 10.88 9.82 -0.16
C LEU A 103 11.01 11.33 0.07
N LYS A 104 10.09 11.92 0.82
CA LYS A 104 10.14 13.35 1.03
C LYS A 104 11.34 13.72 1.90
N LYS A 105 11.63 12.92 2.92
CA LYS A 105 12.75 13.22 3.81
C LYS A 105 14.09 13.03 3.13
N ASN A 106 14.21 12.02 2.26
CA ASN A 106 15.50 11.66 1.67
C ASN A 106 15.57 11.93 0.17
N LYS A 107 14.72 12.83 -0.35
CA LYS A 107 14.64 13.00 -1.79
C LYS A 107 15.99 13.35 -2.39
N ASN A 108 16.80 14.12 -1.67
CA ASN A 108 18.09 14.53 -2.22
C ASN A 108 19.09 13.38 -2.33
N CYS A 109 18.81 12.22 -1.74
CA CYS A 109 19.76 11.11 -1.73
C CYS A 109 19.26 9.87 -2.46
N ILE A 110 18.08 9.91 -3.05
CA ILE A 110 17.48 8.78 -3.75
C ILE A 110 17.70 8.99 -5.24
N ASN A 111 18.36 8.03 -5.89
CA ASN A 111 18.68 8.11 -7.32
C ASN A 111 17.87 7.08 -8.11
N ILE A 112 18.11 7.05 -9.42
CA ILE A 112 17.25 6.24 -10.28
C ILE A 112 17.40 4.77 -9.95
N LEU A 113 18.60 4.34 -9.58
CA LEU A 113 18.80 2.91 -9.29
C LEU A 113 17.98 2.48 -8.07
N TRP A 114 18.00 3.30 -7.02
CA TRP A 114 17.14 3.04 -5.86
C TRP A 114 15.67 2.95 -6.28
N LYS A 115 15.19 3.94 -7.04
CA LYS A 115 13.81 3.92 -7.50
C LYS A 115 13.51 2.68 -8.34
N LEU A 116 14.45 2.29 -9.20
CA LEU A 116 14.21 1.12 -10.04
C LEU A 116 14.10 -0.15 -9.20
N GLU A 117 14.97 -0.29 -8.18
CA GLU A 117 14.94 -1.47 -7.34
C GLU A 117 13.62 -1.57 -6.59
N VAL A 118 13.16 -0.45 -6.02
CA VAL A 118 11.89 -0.46 -5.32
C VAL A 118 10.75 -0.78 -6.27
N ALA A 119 10.76 -0.19 -7.48
CA ALA A 119 9.69 -0.49 -8.43
C ALA A 119 9.67 -1.98 -8.78
N LYS A 120 10.85 -2.58 -8.98
CA LYS A 120 10.92 -4.01 -9.29
C LYS A 120 10.38 -4.87 -8.13
N GLN A 121 10.70 -4.50 -6.89
CA GLN A 121 10.19 -5.26 -5.75
C GLN A 121 8.68 -5.11 -5.63
N LEU A 122 8.16 -3.89 -5.80
CA LEU A 122 6.71 -3.75 -5.81
C LEU A 122 6.08 -4.57 -6.92
N ALA A 123 6.66 -4.51 -8.13
CA ALA A 123 6.09 -5.27 -9.23
C ALA A 123 6.14 -6.78 -8.95
N ALA A 124 7.19 -7.22 -8.25
CA ALA A 124 7.29 -8.63 -7.87
C ALA A 124 6.15 -9.03 -6.95
N ALA A 125 5.88 -8.21 -5.93
CA ALA A 125 4.73 -8.46 -5.07
C ALA A 125 3.44 -8.50 -5.87
N MET A 126 3.26 -7.53 -6.78
CA MET A 126 2.00 -7.47 -7.51
C MET A 126 1.85 -8.62 -8.49
N HIS A 127 2.94 -9.08 -9.08
CA HIS A 127 2.89 -10.28 -9.93
C HIS A 127 2.44 -11.49 -9.12
N PHE A 128 2.97 -11.63 -7.90
CA PHE A 128 2.55 -12.71 -7.03
C PHE A 128 1.05 -12.60 -6.73
N LEU A 129 0.57 -11.39 -6.43
CA LEU A 129 -0.85 -11.23 -6.20
C LEU A 129 -1.64 -11.54 -7.46
N GLU A 130 -1.15 -11.11 -8.63
CA GLU A 130 -1.86 -11.35 -9.88
C GLU A 130 -1.97 -12.85 -10.15
N GLU A 131 -0.88 -13.59 -9.93
CA GLU A 131 -0.90 -15.04 -10.13
C GLU A 131 -1.92 -15.71 -9.21
N ASN A 132 -2.13 -15.15 -8.01
CA ASN A 132 -3.10 -15.65 -7.06
C ASN A 132 -4.47 -15.02 -7.21
N THR A 133 -4.67 -14.24 -8.28
CA THR A 133 -5.93 -13.53 -8.56
C THR A 133 -6.49 -12.86 -7.31
N LEU A 134 -5.61 -12.19 -6.57
CA LEU A 134 -5.98 -11.42 -5.38
C LEU A 134 -5.83 -9.94 -5.70
N ILE A 135 -6.93 -9.22 -5.63
CA ILE A 135 -6.93 -7.78 -5.81
C ILE A 135 -6.53 -7.10 -4.51
N HIS A 136 -5.56 -6.19 -4.58
CA HIS A 136 -5.19 -5.41 -3.40
C HIS A 136 -6.14 -4.23 -3.24
N GLY A 137 -6.18 -3.34 -4.24
CA GLY A 137 -7.16 -2.29 -4.28
C GLY A 137 -6.75 -0.99 -3.65
N ASN A 138 -5.58 -0.93 -3.01
CA ASN A 138 -5.08 0.33 -2.43
C ASN A 138 -3.56 0.42 -2.53
N VAL A 139 -3.01 0.19 -3.73
CA VAL A 139 -1.57 0.36 -3.94
C VAL A 139 -1.25 1.84 -4.00
N CYS A 140 -0.32 2.27 -3.14
CA CYS A 140 0.11 3.67 -3.05
C CYS A 140 1.40 3.70 -2.25
N ALA A 141 2.13 4.80 -2.37
CA ALA A 141 3.43 4.90 -1.70
C ALA A 141 3.31 4.84 -0.18
N LYS A 142 2.22 5.37 0.39
CA LYS A 142 2.01 5.29 1.83
C LYS A 142 1.93 3.83 2.28
N ASN A 143 1.49 2.94 1.39
CA ASN A 143 1.35 1.52 1.69
C ASN A 143 2.56 0.70 1.25
N ILE A 144 3.66 1.35 0.91
CA ILE A 144 4.93 0.66 0.72
C ILE A 144 5.80 0.93 1.94
N LEU A 145 6.25 -0.13 2.58
CA LEU A 145 6.98 -0.06 3.84
C LEU A 145 8.43 -0.41 3.61
N LEU A 146 9.32 0.46 4.10
CA LEU A 146 10.76 0.29 3.94
C LEU A 146 11.34 -0.53 5.10
N ILE A 147 11.64 -1.79 4.81
CA ILE A 147 12.18 -2.71 5.81
C ILE A 147 13.62 -2.34 6.14
N ARG A 148 14.43 -2.08 5.12
CA ARG A 148 15.80 -1.69 5.34
C ARG A 148 16.23 -0.72 4.25
N GLU A 149 17.13 0.18 4.63
CA GLU A 149 17.63 1.17 3.70
C GLU A 149 18.71 0.58 2.83
N GLU A 150 18.89 1.22 1.67
CA GLU A 150 20.05 0.94 0.83
C GLU A 150 21.32 1.18 1.62
N ASP A 151 22.30 0.32 1.41
CA ASP A 151 23.62 0.47 2.01
C ASP A 151 24.65 0.22 0.91
N ARG A 152 24.99 1.27 0.15
CA ARG A 152 26.03 1.16 -0.86
C ARG A 152 27.35 0.68 -0.26
N LYS A 153 27.57 0.90 1.04
CA LYS A 153 28.80 0.41 1.67
C LYS A 153 28.90 -1.10 1.54
N THR A 154 27.80 -1.82 1.74
CA THR A 154 27.76 -3.26 1.62
C THR A 154 27.02 -3.72 0.36
N GLY A 155 26.71 -2.80 -0.56
CA GLY A 155 25.98 -3.13 -1.76
C GLY A 155 24.52 -3.47 -1.58
N ASN A 156 24.03 -3.57 -0.34
CA ASN A 156 22.66 -3.99 -0.10
C ASN A 156 21.68 -2.98 -0.68
N PRO A 157 20.73 -3.41 -1.52
CA PRO A 157 19.68 -2.49 -1.98
C PRO A 157 18.64 -2.27 -0.91
N PRO A 158 17.76 -1.28 -1.07
CA PRO A 158 16.63 -1.16 -0.13
C PRO A 158 15.76 -2.40 -0.24
N PHE A 159 14.91 -2.62 0.77
CA PHE A 159 13.98 -3.72 0.75
C PHE A 159 12.62 -3.26 1.25
N ILE A 160 11.56 -3.54 0.49
CA ILE A 160 10.23 -3.02 0.79
C ILE A 160 9.23 -4.16 0.95
N LYS A 161 8.11 -3.84 1.60
CA LYS A 161 6.93 -4.68 1.63
C LYS A 161 5.69 -3.85 1.32
N LEU A 162 4.70 -4.51 0.74
CA LEU A 162 3.39 -3.92 0.49
C LEU A 162 2.48 -4.17 1.69
N SER A 163 1.83 -3.12 2.16
CA SER A 163 1.01 -3.21 3.36
C SER A 163 -0.40 -3.70 3.03
N ASP A 164 -1.24 -3.78 4.03
CA ASP A 164 -2.54 -4.41 3.91
C ASP A 164 -3.50 -3.53 3.14
N PRO A 165 -4.54 -4.13 2.55
CA PRO A 165 -5.40 -3.39 1.62
C PRO A 165 -6.23 -2.29 2.26
N GLY A 166 -6.64 -2.45 3.52
CA GLY A 166 -7.58 -1.54 4.15
C GLY A 166 -9.02 -1.85 3.76
N ILE A 167 -9.91 -0.91 4.12
CA ILE A 167 -11.31 -1.04 3.74
C ILE A 167 -11.42 -0.98 2.21
N SER A 168 -12.25 -1.85 1.66
CA SER A 168 -12.38 -1.98 0.22
C SER A 168 -13.06 -0.76 -0.38
N ILE A 169 -12.56 -0.32 -1.53
CA ILE A 169 -13.26 0.75 -2.24
C ILE A 169 -14.63 0.33 -2.73
N THR A 170 -14.94 -0.98 -2.68
CA THR A 170 -16.30 -1.40 -3.01
C THR A 170 -17.31 -1.00 -1.95
N VAL A 171 -16.86 -0.66 -0.73
CA VAL A 171 -17.76 -0.23 0.33
C VAL A 171 -17.55 1.21 0.77
N LEU A 172 -16.46 1.85 0.35
CA LEU A 172 -16.14 3.16 0.90
C LEU A 172 -17.08 4.22 0.33
N PRO A 173 -17.30 5.31 1.07
CA PRO A 173 -18.15 6.39 0.57
C PRO A 173 -17.58 7.00 -0.70
N LYS A 174 -18.48 7.43 -1.58
CA LYS A 174 -18.07 8.01 -2.86
C LYS A 174 -17.08 9.15 -2.67
N ASP A 175 -17.28 9.99 -1.65
CA ASP A 175 -16.40 11.15 -1.47
C ASP A 175 -14.97 10.72 -1.14
N ILE A 176 -14.81 9.62 -0.42
CA ILE A 176 -13.47 9.09 -0.16
C ILE A 176 -12.83 8.59 -1.45
N LEU A 177 -13.60 7.85 -2.26
CA LEU A 177 -13.09 7.39 -3.55
C LEU A 177 -12.62 8.56 -4.40
N GLN A 178 -13.38 9.66 -4.42
CA GLN A 178 -12.97 10.80 -5.22
C GLN A 178 -11.69 11.43 -4.70
N GLU A 179 -11.56 11.52 -3.37
CA GLU A 179 -10.31 12.05 -2.81
C GLU A 179 -9.11 11.19 -3.18
N ARG A 180 -9.33 9.90 -3.42
CA ARG A 180 -8.27 8.96 -3.77
C ARG A 180 -7.96 8.93 -5.26
N ILE A 181 -8.63 9.76 -6.07
CA ILE A 181 -8.10 9.99 -7.42
C ILE A 181 -6.74 10.66 -7.29
N PRO A 182 -5.71 10.26 -8.06
CA PRO A 182 -5.68 9.32 -9.18
C PRO A 182 -5.17 7.90 -8.84
N TRP A 183 -5.25 7.48 -7.57
CA TRP A 183 -4.95 6.08 -7.28
C TRP A 183 -6.12 5.18 -7.64
N VAL A 184 -7.34 5.59 -7.30
CA VAL A 184 -8.52 4.82 -7.70
C VAL A 184 -8.72 5.01 -9.20
N PRO A 185 -8.89 3.95 -9.98
CA PRO A 185 -8.91 4.11 -11.45
C PRO A 185 -10.24 4.64 -11.93
N PRO A 186 -10.28 5.20 -13.15
CA PRO A 186 -11.53 5.79 -13.64
C PRO A 186 -12.73 4.85 -13.60
N GLU A 187 -12.51 3.57 -13.89
CA GLU A 187 -13.65 2.66 -13.96
C GLU A 187 -14.27 2.44 -12.60
N CYS A 188 -13.50 2.61 -11.53
CA CYS A 188 -14.02 2.44 -10.18
C CYS A 188 -14.71 3.71 -9.69
N ILE A 189 -14.31 4.87 -10.18
CA ILE A 189 -15.11 6.09 -9.95
C ILE A 189 -16.43 5.96 -10.66
N GLU A 190 -16.43 5.46 -11.89
CA GLU A 190 -17.66 5.21 -12.62
C GLU A 190 -18.56 4.26 -11.83
N ASN A 191 -17.97 3.17 -11.31
CA ASN A 191 -18.71 2.16 -10.56
C ASN A 191 -17.76 1.37 -9.68
N PRO A 192 -17.81 1.53 -8.36
CA PRO A 192 -16.84 0.83 -7.50
C PRO A 192 -16.85 -0.68 -7.68
N LYS A 193 -17.97 -1.26 -8.09
CA LYS A 193 -18.02 -2.69 -8.33
C LYS A 193 -17.18 -3.13 -9.52
N ASN A 194 -16.65 -2.20 -10.31
CA ASN A 194 -15.69 -2.52 -11.37
C ASN A 194 -14.31 -2.90 -10.83
N LEU A 195 -14.14 -2.99 -9.51
CA LEU A 195 -12.86 -3.39 -8.93
C LEU A 195 -12.42 -4.72 -9.55
N ASN A 196 -11.18 -4.74 -10.02
CA ASN A 196 -10.68 -5.85 -10.82
C ASN A 196 -9.17 -5.88 -10.66
N LEU A 197 -8.55 -6.97 -11.12
CA LEU A 197 -7.10 -6.98 -11.12
C LEU A 197 -6.53 -5.79 -11.89
N ALA A 198 -7.20 -5.39 -12.99
CA ALA A 198 -6.74 -4.22 -13.74
C ALA A 198 -6.65 -2.98 -12.86
N THR A 199 -7.43 -2.92 -11.78
CA THR A 199 -7.36 -1.78 -10.85
C THR A 199 -5.95 -1.56 -10.36
N ASP A 200 -5.29 -2.65 -9.92
CA ASP A 200 -3.97 -2.53 -9.32
C ASP A 200 -2.89 -2.12 -10.32
N LYS A 201 -3.08 -2.41 -11.61
CA LYS A 201 -2.10 -1.92 -12.58
C LYS A 201 -2.16 -0.41 -12.68
N TRP A 202 -3.36 0.16 -12.67
CA TRP A 202 -3.49 1.62 -12.69
C TRP A 202 -2.85 2.23 -11.45
N SER A 203 -3.22 1.73 -10.26
CA SER A 203 -2.68 2.29 -9.02
C SER A 203 -1.17 2.10 -8.94
N PHE A 204 -0.65 0.98 -9.47
CA PHE A 204 0.80 0.81 -9.54
C PHE A 204 1.44 1.93 -10.33
N GLY A 205 0.83 2.33 -11.45
CA GLY A 205 1.34 3.48 -12.19
C GLY A 205 1.40 4.74 -11.35
N THR A 206 0.31 5.03 -10.63
CA THR A 206 0.28 6.21 -9.78
C THR A 206 1.35 6.13 -8.71
N THR A 207 1.58 4.92 -8.17
CA THR A 207 2.59 4.73 -7.14
C THR A 207 3.99 4.96 -7.71
N LEU A 208 4.24 4.46 -8.94
CA LEU A 208 5.52 4.77 -9.59
C LEU A 208 5.71 6.27 -9.73
N TRP A 209 4.64 7.00 -10.07
CA TRP A 209 4.74 8.44 -10.16
C TRP A 209 5.17 9.03 -8.81
N GLU A 210 4.56 8.56 -7.72
CA GLU A 210 4.96 9.01 -6.39
C GLU A 210 6.44 8.71 -6.14
N ILE A 211 6.86 7.48 -6.43
CA ILE A 211 8.24 7.09 -6.20
C ILE A 211 9.20 8.01 -6.95
N CYS A 212 8.80 8.47 -8.12
CA CYS A 212 9.67 9.33 -8.90
C CYS A 212 9.54 10.80 -8.56
N SER A 213 8.60 11.19 -7.70
CA SER A 213 8.27 12.60 -7.47
C SER A 213 8.56 13.04 -6.04
N GLY A 214 9.54 12.40 -5.40
CA GLY A 214 9.98 12.83 -4.08
C GLY A 214 8.87 12.82 -3.06
N GLY A 215 7.89 11.93 -3.22
CA GLY A 215 6.81 11.88 -2.27
C GLY A 215 5.72 12.91 -2.46
N ASP A 216 5.76 13.69 -3.54
CA ASP A 216 4.63 14.55 -3.87
C ASP A 216 3.40 13.69 -4.12
N LYS A 217 2.23 14.26 -3.93
CA LYS A 217 1.00 13.57 -4.20
C LYS A 217 0.42 14.07 -5.51
N PRO A 218 0.20 13.19 -6.49
CA PRO A 218 -0.30 13.68 -7.77
C PRO A 218 -1.68 14.29 -7.64
N LEU A 219 -1.87 15.44 -8.30
CA LEU A 219 -3.14 16.14 -8.37
C LEU A 219 -3.59 16.66 -7.01
N SER A 220 -2.69 16.77 -6.03
CA SER A 220 -3.10 17.25 -4.72
C SER A 220 -3.71 18.65 -4.79
N ALA A 221 -3.32 19.46 -5.78
CA ALA A 221 -3.84 20.81 -5.91
C ALA A 221 -5.28 20.83 -6.41
N LEU A 222 -5.79 19.72 -6.91
CA LEU A 222 -7.14 19.64 -7.42
C LEU A 222 -8.11 19.20 -6.33
N ASP A 223 -9.19 19.95 -6.16
CA ASP A 223 -10.27 19.46 -5.31
C ASP A 223 -10.99 18.29 -5.96
N SER A 224 -11.93 17.69 -5.23
CA SER A 224 -12.56 16.44 -5.68
C SER A 224 -13.37 16.64 -6.96
N GLN A 225 -14.01 17.79 -7.13
CA GLN A 225 -14.74 18.03 -8.37
C GLN A 225 -13.78 18.12 -9.55
N ARG A 226 -12.65 18.80 -9.36
CA ARG A 226 -11.64 18.88 -10.41
C ARG A 226 -10.94 17.55 -10.64
N LYS A 227 -10.81 16.72 -9.61
CA LYS A 227 -10.27 15.37 -9.85
C LYS A 227 -11.23 14.55 -10.70
N LEU A 228 -12.53 14.62 -10.40
CA LEU A 228 -13.51 13.94 -11.26
C LEU A 228 -13.42 14.38 -12.71
N GLN A 229 -13.28 15.70 -12.93
CA GLN A 229 -13.24 16.23 -14.28
C GLN A 229 -11.94 15.85 -14.98
N PHE A 230 -10.86 15.69 -14.21
CA PHE A 230 -9.60 15.22 -14.78
C PHE A 230 -9.80 13.89 -15.48
N TYR A 231 -10.54 12.98 -14.84
CA TYR A 231 -10.86 11.69 -15.46
C TYR A 231 -11.85 11.87 -16.61
N GLU A 232 -12.83 12.76 -16.46
CA GLU A 232 -13.82 12.96 -17.52
C GLU A 232 -13.14 13.44 -18.80
N ASP A 233 -12.13 14.31 -18.66
CA ASP A 233 -11.38 14.81 -19.81
C ASP A 233 -10.24 13.89 -20.20
N ARG A 234 -10.08 12.74 -19.53
CA ARG A 234 -9.12 11.70 -19.90
C ARG A 234 -7.69 12.22 -19.87
N HIS A 235 -7.37 13.04 -18.88
CA HIS A 235 -6.02 13.53 -18.73
C HIS A 235 -5.11 12.44 -18.15
N GLN A 236 -3.81 12.61 -18.37
CA GLN A 236 -2.79 11.77 -17.77
C GLN A 236 -1.94 12.63 -16.84
N LEU A 237 -1.22 11.96 -15.93
CA LEU A 237 -0.37 12.70 -15.01
C LEU A 237 0.81 13.31 -15.77
N PRO A 238 1.32 14.45 -15.31
CA PRO A 238 2.55 14.98 -15.90
C PRO A 238 3.71 14.05 -15.67
N ALA A 239 4.66 14.07 -16.58
CA ALA A 239 5.86 13.27 -16.37
C ALA A 239 6.60 13.82 -15.16
N PRO A 240 7.15 12.96 -14.31
CA PRO A 240 8.03 13.47 -13.25
C PRO A 240 9.28 14.10 -13.87
N LYS A 241 9.84 15.09 -13.17
CA LYS A 241 11.09 15.70 -13.63
C LYS A 241 12.11 14.62 -13.95
N ALA A 242 12.30 13.68 -13.03
CA ALA A 242 13.04 12.44 -13.27
C ALA A 242 12.10 11.50 -14.02
N ALA A 243 12.17 11.55 -15.35
CA ALA A 243 11.14 11.00 -16.22
C ALA A 243 11.45 9.58 -16.68
N GLU A 244 12.42 8.90 -16.04
CA GLU A 244 12.89 7.63 -16.57
C GLU A 244 11.77 6.58 -16.63
N LEU A 245 10.77 6.69 -15.74
CA LEU A 245 9.67 5.76 -15.67
C LEU A 245 8.37 6.34 -16.24
N ALA A 246 8.42 7.53 -16.85
CA ALA A 246 7.20 8.18 -17.33
C ALA A 246 6.44 7.31 -18.31
N ASN A 247 7.15 6.65 -19.23
CA ASN A 247 6.45 5.83 -20.22
C ASN A 247 5.74 4.66 -19.55
N LEU A 248 6.41 4.01 -18.59
CA LEU A 248 5.79 2.92 -17.85
C LEU A 248 4.59 3.42 -17.06
N ILE A 249 4.73 4.58 -16.41
CA ILE A 249 3.59 5.16 -15.68
C ILE A 249 2.38 5.32 -16.59
N ASN A 250 2.57 5.92 -17.77
CA ASN A 250 1.44 6.16 -18.64
C ASN A 250 0.89 4.87 -19.23
N ASN A 251 1.75 3.89 -19.52
CA ASN A 251 1.28 2.61 -20.01
C ASN A 251 0.42 1.89 -18.98
N CYS A 252 0.76 2.01 -17.69
CA CYS A 252 -0.03 1.40 -16.64
C CYS A 252 -1.33 2.15 -16.39
N MET A 253 -1.27 3.49 -16.42
CA MET A 253 -2.45 4.34 -16.25
C MET A 253 -3.21 4.48 -17.57
N ASP A 254 -3.65 3.34 -18.08
CA ASP A 254 -4.39 3.28 -19.33
C ASP A 254 -5.88 3.35 -19.00
N TYR A 255 -6.59 4.28 -19.65
CA TYR A 255 -8.02 4.41 -19.40
C TYR A 255 -8.81 3.19 -19.83
N GLU A 256 -8.26 2.34 -20.70
CA GLU A 256 -8.89 1.07 -21.05
C GLU A 256 -8.31 -0.01 -20.12
N PRO A 257 -9.09 -0.50 -19.14
CA PRO A 257 -8.50 -1.47 -18.19
C PRO A 257 -7.92 -2.71 -18.85
N ASP A 258 -8.56 -3.24 -19.90
CA ASP A 258 -8.08 -4.46 -20.56
C ASP A 258 -6.73 -4.25 -21.25
N HIS A 259 -6.31 -3.01 -21.48
CA HIS A 259 -5.06 -2.76 -22.17
C HIS A 259 -3.90 -2.58 -21.22
N ARG A 260 -4.15 -2.51 -19.90
CA ARG A 260 -3.05 -2.36 -18.98
C ARG A 260 -2.17 -3.61 -18.99
N PRO A 261 -0.85 -3.45 -18.97
CA PRO A 261 0.04 -4.61 -19.14
C PRO A 261 0.04 -5.50 -17.92
N SER A 262 0.29 -6.79 -18.16
CA SER A 262 0.47 -7.73 -17.05
C SER A 262 1.67 -7.32 -16.22
N PHE A 263 1.69 -7.79 -14.97
CA PHE A 263 2.86 -7.52 -14.14
C PHE A 263 4.12 -8.19 -14.67
N ARG A 264 3.99 -9.33 -15.33
CA ARG A 264 5.17 -9.94 -15.96
C ARG A 264 5.74 -9.01 -17.01
N ALA A 265 4.87 -8.42 -17.84
CA ALA A 265 5.34 -7.48 -18.85
C ALA A 265 5.93 -6.23 -18.20
N ILE A 266 5.32 -5.77 -17.10
CA ILE A 266 5.85 -4.61 -16.39
C ILE A 266 7.26 -4.91 -15.89
N ILE A 267 7.44 -6.10 -15.31
CA ILE A 267 8.77 -6.48 -14.82
C ILE A 267 9.78 -6.52 -15.96
N ARG A 268 9.41 -7.11 -17.10
CA ARG A 268 10.32 -7.10 -18.25
C ARG A 268 10.68 -5.67 -18.65
N ASP A 269 9.70 -4.77 -18.63
CA ASP A 269 10.00 -3.39 -19.00
C ASP A 269 10.96 -2.76 -17.99
N LEU A 270 10.75 -3.02 -16.70
CA LEU A 270 11.64 -2.45 -15.70
C LEU A 270 13.06 -2.97 -15.86
N ASN A 271 13.21 -4.26 -16.11
CA ASN A 271 14.55 -4.84 -16.27
C ASN A 271 15.28 -4.27 -17.48
N SER A 272 14.54 -3.75 -18.47
CA SER A 272 15.15 -3.27 -19.70
C SER A 272 15.71 -1.85 -19.58
N LEU A 273 15.67 -1.25 -18.40
CA LEU A 273 16.17 0.09 -18.20
C LEU A 273 17.57 0.05 -17.58
N PHE A 274 18.37 1.07 -17.89
CA PHE A 274 19.73 1.19 -17.38
C PHE A 274 20.66 0.18 -18.02
C10 Q7F B . 2.84 2.74 7.88
N12 Q7F B . 3.38 0.55 8.85
C13 Q7F B . 4.11 -0.28 9.59
C15 Q7F B . 5.40 1.48 10.23
C20 Q7F B . 6.02 5.49 11.91
C21 Q7F B . 7.33 5.93 11.93
C22 Q7F B . 8.37 5.07 11.64
C01 Q7F B . 2.27 4.69 10.60
C02 Q7F B . 1.02 4.96 9.88
C03 Q7F B . 0.29 4.08 9.00
C05 Q7F B . -0.72 6.38 9.02
C06 Q7F B . 0.44 6.34 9.85
C07 Q7F B . 0.62 2.61 8.80
C09 Q7F B . 0.91 2.80 6.44
C11 Q7F B . 3.67 1.83 8.78
C18 Q7F B . 6.77 3.33 11.29
C19 Q7F B . 5.73 4.18 11.59
C23 Q7F B . 8.08 3.76 11.31
N08 Q7F B . 1.49 2.28 7.67
N14 Q7F B . 5.14 0.18 10.28
N16 Q7F B . 4.69 2.30 9.48
N17 Q7F B . 6.53 1.94 10.98
N24 Q7F B . 3.75 -1.66 9.65
S04 Q7F B . -0.96 4.93 8.32
H102 Q7F B . 2.81 3.73 8.33
H101 Q7F B . 3.33 2.81 6.91
H201 Q7F B . 5.22 6.18 12.16
H211 Q7F B . 7.54 6.96 12.18
H221 Q7F B . 9.39 5.42 11.68
H013 Q7F B . 2.11 4.89 11.66
H012 Q7F B . 3.05 5.34 10.23
H011 Q7F B . 2.56 3.66 10.46
H051 Q7F B . -1.34 7.26 8.87
H061 Q7F B . 0.84 7.19 10.39
H072 Q7F B . -0.32 2.07 8.66
H071 Q7F B . 1.11 2.25 9.70
H092 Q7F B . -0.16 2.59 6.42
H091 Q7F B . 1.39 2.32 5.59
H093 Q7F B . 1.07 3.88 6.40
H191 Q7F B . 4.70 3.82 11.58
H231 Q7F B . 8.89 3.07 11.08
H171 Q7F B . 7.19 1.27 11.32
H241 Q7F B . 3.18 -2.05 8.93
H242 Q7F B . 4.04 -2.22 10.43
C1 GOL C . -2.67 8.74 -0.18
O1 GOL C . -1.36 8.37 -0.24
C2 GOL C . -3.58 7.51 -0.15
O2 GOL C . -4.85 7.85 0.25
C3 GOL C . -3.59 6.97 -1.58
O3 GOL C . -4.75 6.18 -1.69
H11 GOL C . -2.92 9.31 -0.92
H12 GOL C . -2.85 9.27 0.62
HO1 GOL C . -1.08 8.65 -0.99
H2 GOL C . -3.22 6.84 0.45
HO2 GOL C . -5.17 8.41 -0.31
H31 GOL C . -2.76 6.47 -1.74
H32 GOL C . -3.56 7.71 -2.20
HO3 GOL C . -5.29 6.45 -1.10
C1 GOL D . -5.27 3.99 21.98
O1 GOL D . -4.76 4.64 23.13
C2 GOL D . -6.39 2.99 22.36
O2 GOL D . -7.47 3.61 22.99
C3 GOL D . -6.83 2.33 21.03
O3 GOL D . -8.06 2.91 20.66
H11 GOL D . -4.59 3.50 21.51
H12 GOL D . -5.64 4.63 21.34
HO1 GOL D . -5.42 4.72 23.67
H2 GOL D . -6.05 2.33 22.98
HO2 GOL D . -7.90 4.04 22.40
H31 GOL D . -6.88 1.38 21.16
H32 GOL D . -6.13 2.47 20.37
HO3 GOL D . -8.54 2.28 20.34
C1 GOL E . 6.81 -12.78 4.80
O1 GOL E . 6.82 -11.39 4.90
C2 GOL E . 5.69 -13.28 5.71
O2 GOL E . 6.15 -13.31 7.05
C3 GOL E . 4.45 -12.29 5.48
O3 GOL E . 4.07 -12.20 4.08
H11 GOL E . 7.65 -13.18 5.07
H12 GOL E . 6.66 -13.09 3.90
HO1 GOL E . 6.75 -11.09 4.12
H2 GOL E . 5.42 -14.19 5.48
HO2 GOL E . 6.73 -12.69 7.15
H31 GOL E . 4.71 -11.43 5.84
H32 GOL E . 3.73 -12.59 6.04
HO3 GOL E . 4.01 -11.37 3.89
C1 GOL F . 14.02 -11.04 2.78
O1 GOL F . 12.75 -11.43 3.18
C2 GOL F . 14.78 -10.41 3.96
O2 GOL F . 16.11 -10.30 3.65
C3 GOL F . 14.15 -9.01 4.19
O3 GOL F . 13.65 -8.98 5.51
H11 GOL F . 13.99 -10.40 2.05
H12 GOL F . 14.54 -11.79 2.45
HO1 GOL F . 12.21 -10.89 2.80
H2 GOL F . 14.67 -10.96 4.75
HO2 GOL F . 16.56 -10.65 4.28
H31 GOL F . 13.48 -8.85 3.52
H32 GOL F . 14.83 -8.34 4.03
HO3 GOL F . 12.80 -9.12 5.45
#